data_5GII
#
_entry.id   5GII
#
_cell.length_a   43.824
_cell.length_b   56.279
_cell.length_c   84.629
_cell.angle_alpha   90.000
_cell.angle_beta   90.000
_cell.angle_gamma   90.000
#
_symmetry.space_group_name_H-M   'P 21 21 21'
#
loop_
_entity.id
_entity.type
_entity.pdbx_description
1 polymer 'Dopamine N-acetyltransferase'
2 non-polymer 'COENZYME A'
3 non-polymer N-(2-phenylethyl)acetamide
4 water water
#
_entity_poly.entity_id   1
_entity_poly.type   'polypeptide(L)'
_entity_poly.pdbx_seq_one_letter_code
;GPLGSPYTIELIQPEDGEAVIAMLKTFFFKDNPLNTFLDLGECKELEKYSLKPLPDNCSYKAVNKKGEIIGVFLNGLMRR
PSPDDVPEKAADSCEHPKFKKILSLMDHVEEQFNIFDVYPDEELILDGKILSVDTNYRGLGIAGRLTERAYEYMRENGIN
VYHVLCSSHYSARVMEKLGFHEVFRMQFADYKPQGEVVFKPAAPHVGIQVMAKEV
;
_entity_poly.pdbx_strand_id   A
#
# COMPACT_ATOMS: atom_id res chain seq x y z
N PRO A 6 3.57 16.59 18.69
CA PRO A 6 2.68 17.46 17.91
C PRO A 6 3.01 17.40 16.42
N TYR A 7 2.04 17.02 15.60
CA TYR A 7 2.32 16.83 14.18
C TYR A 7 1.13 17.28 13.31
N THR A 8 1.42 17.57 12.04
CA THR A 8 0.37 17.91 11.07
C THR A 8 0.21 16.79 10.06
N ILE A 9 -0.96 16.73 9.43
CA ILE A 9 -1.21 15.82 8.32
C ILE A 9 -1.47 16.70 7.11
N GLU A 10 -0.65 16.55 6.08
CA GLU A 10 -0.66 17.47 4.93
C GLU A 10 -0.66 16.70 3.62
N LEU A 11 -1.23 17.30 2.59
CA LEU A 11 -1.17 16.73 1.25
C LEU A 11 0.27 16.70 0.75
N ILE A 12 0.69 15.57 0.19
CA ILE A 12 2.00 15.46 -0.43
C ILE A 12 1.98 16.07 -1.84
N GLN A 13 2.95 16.93 -2.13
CA GLN A 13 3.10 17.50 -3.47
C GLN A 13 4.19 16.72 -4.19
N PRO A 14 4.08 16.56 -5.53
CA PRO A 14 5.19 15.87 -6.20
C PRO A 14 6.58 16.47 -5.91
N GLU A 15 6.67 17.75 -5.58
CA GLU A 15 7.96 18.33 -5.19
C GLU A 15 8.48 17.80 -3.84
N ASP A 16 7.63 17.11 -3.08
CA ASP A 16 8.05 16.44 -1.86
C ASP A 16 8.67 15.07 -2.13
N GLY A 17 8.78 14.70 -3.42
CA GLY A 17 9.20 13.36 -3.78
C GLY A 17 10.49 12.88 -3.15
N GLU A 18 11.52 13.73 -3.21
CA GLU A 18 12.82 13.35 -2.65
C GLU A 18 12.72 13.08 -1.17
N ALA A 19 12.01 13.94 -0.44
CA ALA A 19 11.87 13.74 1.00
C ALA A 19 11.06 12.49 1.33
N VAL A 20 10.03 12.22 0.53
CA VAL A 20 9.23 11.01 0.72
C VAL A 20 10.11 9.78 0.50
N ILE A 21 10.88 9.79 -0.58
CA ILE A 21 11.79 8.67 -0.85
C ILE A 21 12.84 8.51 0.24
N ALA A 22 13.38 9.62 0.74
CA ALA A 22 14.38 9.52 1.81
C ALA A 22 13.80 8.84 3.04
N MET A 23 12.56 9.19 3.38
CA MET A 23 11.89 8.59 4.53
C MET A 23 11.60 7.11 4.28
N LEU A 24 11.06 6.79 3.11
CA LEU A 24 10.79 5.39 2.77
C LEU A 24 12.04 4.52 2.78
N LYS A 25 13.14 5.06 2.27
CA LYS A 25 14.39 4.30 2.26
C LYS A 25 14.86 3.99 3.69
N THR A 26 14.57 4.91 4.62
CA THR A 26 14.98 4.74 6.00
C THR A 26 14.16 3.67 6.71
N PHE A 27 12.86 3.63 6.44
CA PHE A 27 11.93 2.75 7.15
C PHE A 27 11.36 1.66 6.26
N PHE A 28 10.33 1.99 5.47
CA PHE A 28 9.61 1.02 4.65
C PHE A 28 10.49 0.06 3.83
N PHE A 29 11.52 0.59 3.17
CA PHE A 29 12.40 -0.25 2.35
C PHE A 29 13.09 -1.32 3.20
N LYS A 30 13.32 -0.98 4.48
CA LYS A 30 14.02 -1.86 5.41
C LYS A 30 13.11 -2.68 6.31
N ASP A 31 11.86 -2.24 6.49
CA ASP A 31 11.05 -2.84 7.55
C ASP A 31 9.65 -3.27 7.16
N ASN A 32 9.28 -3.13 5.90
CA ASN A 32 8.09 -3.82 5.42
C ASN A 32 8.42 -5.31 5.43
N PRO A 33 7.50 -6.15 5.94
CA PRO A 33 7.84 -7.57 6.06
C PRO A 33 8.33 -8.25 4.78
N LEU A 34 7.77 -7.91 3.61
CA LEU A 34 8.25 -8.51 2.36
C LEU A 34 9.64 -8.01 1.98
N ASN A 35 9.84 -6.70 2.10
CA ASN A 35 11.14 -6.12 1.76
C ASN A 35 12.24 -6.69 2.65
N THR A 36 11.96 -6.76 3.95
CA THR A 36 13.01 -7.18 4.86
C THR A 36 13.28 -8.67 4.66
N PHE A 37 12.25 -9.44 4.32
CA PHE A 37 12.44 -10.87 4.04
C PHE A 37 13.37 -11.09 2.86
N LEU A 38 13.17 -10.30 1.81
CA LEU A 38 13.97 -10.42 0.58
C LEU A 38 15.33 -9.74 0.69
N ASP A 39 15.53 -8.94 1.75
CA ASP A 39 16.70 -8.07 1.85
C ASP A 39 16.81 -7.20 0.60
N LEU A 40 15.85 -6.30 0.45
CA LEU A 40 15.62 -5.55 -0.78
C LEU A 40 16.79 -4.71 -1.28
N GLY A 41 17.52 -4.09 -0.35
CA GLY A 41 18.64 -3.23 -0.67
C GLY A 41 18.24 -1.98 -1.44
N GLU A 42 19.12 -1.58 -2.36
CA GLU A 42 18.81 -0.48 -3.26
C GLU A 42 17.75 -0.96 -4.25
N CYS A 43 16.74 -0.13 -4.51
CA CYS A 43 15.64 -0.55 -5.38
C CYS A 43 15.00 0.66 -6.03
N LYS A 44 15.57 1.10 -7.14
CA LYS A 44 15.05 2.26 -7.83
C LYS A 44 13.63 2.02 -8.35
N GLU A 45 13.31 0.75 -8.62
CA GLU A 45 11.96 0.41 -9.06
C GLU A 45 10.91 0.67 -7.99
N LEU A 46 11.25 0.41 -6.73
CA LEU A 46 10.32 0.72 -5.64
C LEU A 46 10.22 2.23 -5.45
N GLU A 47 11.32 2.95 -5.70
CA GLU A 47 11.26 4.41 -5.66
C GLU A 47 10.27 4.92 -6.71
N LYS A 48 10.39 4.39 -7.93
CA LYS A 48 9.49 4.75 -9.02
C LYS A 48 8.03 4.43 -8.67
N TYR A 49 7.82 3.22 -8.14
CA TYR A 49 6.50 2.77 -7.71
C TYR A 49 5.90 3.70 -6.68
N SER A 50 6.73 4.18 -5.76
CA SER A 50 6.25 5.00 -4.65
C SER A 50 5.90 6.41 -5.11
N LEU A 51 6.61 6.91 -6.11
CA LEU A 51 6.37 8.27 -6.58
C LEU A 51 5.14 8.35 -7.50
N LYS A 52 4.82 7.24 -8.15
CA LYS A 52 3.72 7.22 -9.12
C LYS A 52 2.36 7.77 -8.67
N PRO A 53 1.91 7.42 -7.46
CA PRO A 53 0.58 7.93 -7.08
C PRO A 53 0.52 9.41 -6.73
N LEU A 54 1.66 10.05 -6.47
CA LEU A 54 1.63 11.41 -5.95
C LEU A 54 0.80 12.43 -6.74
N PRO A 55 0.91 12.45 -8.09
CA PRO A 55 0.12 13.45 -8.83
C PRO A 55 -1.39 13.22 -8.79
N ASP A 56 -1.86 12.12 -8.22
CA ASP A 56 -3.30 11.96 -8.01
C ASP A 56 -3.81 12.88 -6.89
N ASN A 57 -2.90 13.54 -6.15
CA ASN A 57 -3.30 14.55 -5.17
C ASN A 57 -4.16 14.02 -4.04
N CYS A 58 -3.85 12.82 -3.57
CA CYS A 58 -4.57 12.23 -2.45
C CYS A 58 -3.65 11.38 -1.57
N SER A 59 -2.36 11.73 -1.53
CA SER A 59 -1.40 11.12 -0.62
C SER A 59 -1.06 12.08 0.51
N TYR A 60 -0.83 11.54 1.70
CA TYR A 60 -0.67 12.37 2.90
C TYR A 60 0.63 12.09 3.65
N LYS A 61 1.19 13.16 4.20
CA LYS A 61 2.38 13.07 5.04
C LYS A 61 2.06 13.57 6.44
N ALA A 62 2.62 12.88 7.44
CA ALA A 62 2.61 13.36 8.82
C ALA A 62 3.95 14.05 9.04
N VAL A 63 3.91 15.25 9.60
CA VAL A 63 5.09 16.08 9.69
C VAL A 63 5.24 16.56 11.13
N ASN A 64 6.42 16.37 11.73
CA ASN A 64 6.61 16.78 13.12
C ASN A 64 6.83 18.29 13.24
N LYS A 65 7.04 18.76 14.47
CA LYS A 65 7.14 20.21 14.66
C LYS A 65 8.40 20.79 14.00
N LYS A 66 9.41 19.96 13.77
CA LYS A 66 10.61 20.44 13.10
C LYS A 66 10.47 20.44 11.58
N GLY A 67 9.33 19.98 11.08
CA GLY A 67 9.13 19.95 9.64
C GLY A 67 9.59 18.68 8.93
N GLU A 68 9.93 17.64 9.69
CA GLU A 68 10.40 16.37 9.13
C GLU A 68 9.23 15.43 8.89
N ILE A 69 9.26 14.71 7.77
CA ILE A 69 8.24 13.71 7.51
C ILE A 69 8.43 12.51 8.43
N ILE A 70 7.38 12.19 9.20
CA ILE A 70 7.42 11.10 10.17
C ILE A 70 6.43 10.00 9.80
N GLY A 71 5.68 10.18 8.72
CA GLY A 71 4.78 9.14 8.26
C GLY A 71 4.24 9.51 6.90
N VAL A 72 3.91 8.49 6.10
CA VAL A 72 3.20 8.74 4.85
C VAL A 72 2.15 7.68 4.62
N PHE A 73 1.08 8.06 3.91
CA PHE A 73 0.18 7.09 3.30
C PHE A 73 0.00 7.55 1.86
N LEU A 74 0.60 6.80 0.95
CA LEU A 74 0.55 7.11 -0.47
C LEU A 74 -0.64 6.37 -1.08
N ASN A 75 -1.55 7.13 -1.67
CA ASN A 75 -2.80 6.60 -2.23
C ASN A 75 -2.92 6.98 -3.69
N GLY A 76 -3.57 6.12 -4.47
CA GLY A 76 -3.86 6.43 -5.85
C GLY A 76 -5.31 6.11 -6.14
N LEU A 77 -5.86 6.73 -7.17
CA LEU A 77 -7.18 6.40 -7.64
C LEU A 77 -7.12 5.18 -8.51
N MET A 78 -8.05 4.27 -8.32
CA MET A 78 -8.12 3.05 -9.11
C MET A 78 -9.47 3.04 -9.82
N ARG A 79 -9.45 2.80 -11.13
CA ARG A 79 -10.66 2.79 -11.94
C ARG A 79 -11.07 1.38 -12.34
N ARG A 80 -12.37 1.11 -12.35
CA ARG A 80 -12.90 -0.16 -12.84
C ARG A 80 -12.33 -0.46 -14.22
N PRO A 81 -11.81 -1.69 -14.44
CA PRO A 81 -11.30 -2.04 -15.76
C PRO A 81 -12.36 -1.81 -16.85
N SER A 82 -11.94 -1.28 -18.00
CA SER A 82 -12.84 -1.09 -19.13
C SER A 82 -13.35 -2.46 -19.58
N PRO A 83 -14.52 -2.51 -20.23
CA PRO A 83 -15.07 -3.81 -20.66
C PRO A 83 -14.13 -4.59 -21.58
N ASP A 84 -13.30 -3.88 -22.33
CA ASP A 84 -12.42 -4.53 -23.32
C ASP A 84 -11.01 -4.78 -22.79
N ASP A 85 -10.77 -4.35 -21.56
CA ASP A 85 -9.47 -4.46 -20.91
C ASP A 85 -8.93 -5.89 -20.88
N VAL A 86 -7.67 -6.04 -21.28
CA VAL A 86 -6.89 -7.22 -20.92
C VAL A 86 -5.82 -6.74 -19.95
N PRO A 87 -5.77 -7.34 -18.75
CA PRO A 87 -4.88 -6.85 -17.71
C PRO A 87 -3.40 -7.01 -18.06
N GLU A 88 -2.58 -6.07 -17.59
CA GLU A 88 -1.14 -6.15 -17.74
C GLU A 88 -0.54 -6.62 -16.44
N LYS A 89 0.53 -7.40 -16.52
CA LYS A 89 1.27 -7.79 -15.33
C LYS A 89 2.30 -6.72 -15.01
N ALA A 90 2.23 -6.16 -13.81
CA ALA A 90 3.22 -5.16 -13.39
C ALA A 90 4.63 -5.73 -13.39
N ALA A 91 4.74 -7.02 -13.10
CA ALA A 91 6.06 -7.65 -12.99
C ALA A 91 6.81 -7.70 -14.32
N ASP A 92 6.09 -7.57 -15.43
CA ASP A 92 6.73 -7.67 -16.75
C ASP A 92 7.69 -6.52 -17.07
N SER A 93 7.45 -5.37 -16.45
CA SER A 93 8.21 -4.17 -16.74
C SER A 93 9.23 -3.85 -15.64
N CYS A 94 9.60 -4.87 -14.88
CA CYS A 94 10.52 -4.71 -13.75
C CYS A 94 11.83 -5.50 -13.89
N GLU A 95 12.97 -4.81 -13.83
CA GLU A 95 14.29 -5.44 -13.97
C GLU A 95 14.90 -5.93 -12.65
N HIS A 96 14.45 -5.39 -11.52
CA HIS A 96 14.98 -5.72 -10.20
C HIS A 96 14.42 -7.07 -9.76
N PRO A 97 15.28 -8.07 -9.59
CA PRO A 97 14.77 -9.43 -9.32
C PRO A 97 13.96 -9.55 -8.03
N LYS A 98 14.41 -8.90 -6.96
CA LYS A 98 13.68 -8.98 -5.70
C LYS A 98 12.34 -8.25 -5.79
N PHE A 99 12.35 -7.03 -6.30
CA PHE A 99 11.09 -6.30 -6.41
C PHE A 99 10.15 -6.99 -7.38
N LYS A 100 10.69 -7.65 -8.39
CA LYS A 100 9.86 -8.38 -9.33
C LYS A 100 9.06 -9.47 -8.62
N LYS A 101 9.64 -10.08 -7.59
CA LYS A 101 8.90 -11.08 -6.81
C LYS A 101 7.70 -10.46 -6.10
N ILE A 102 7.87 -9.26 -5.58
CA ILE A 102 6.76 -8.56 -4.94
C ILE A 102 5.69 -8.19 -5.95
N LEU A 103 6.11 -7.63 -7.10
CA LEU A 103 5.14 -7.29 -8.14
C LEU A 103 4.40 -8.52 -8.66
N SER A 104 5.10 -9.64 -8.76
CA SER A 104 4.48 -10.89 -9.21
C SER A 104 3.42 -11.35 -8.21
N LEU A 105 3.71 -11.19 -6.93
CA LEU A 105 2.73 -11.51 -5.89
C LEU A 105 1.50 -10.62 -6.04
N MET A 106 1.73 -9.34 -6.29
CA MET A 106 0.62 -8.40 -6.49
C MET A 106 -0.20 -8.76 -7.72
N ASP A 107 0.48 -9.11 -8.81
CA ASP A 107 -0.20 -9.55 -10.02
C ASP A 107 -1.06 -10.78 -9.74
N HIS A 108 -0.50 -11.73 -8.99
CA HIS A 108 -1.22 -12.95 -8.64
C HIS A 108 -2.49 -12.65 -7.84
N VAL A 109 -2.38 -11.77 -6.85
CA VAL A 109 -3.55 -11.37 -6.09
C VAL A 109 -4.64 -10.77 -6.98
N GLU A 110 -4.24 -9.89 -7.89
CA GLU A 110 -5.21 -9.27 -8.80
C GLU A 110 -5.83 -10.28 -9.76
N GLU A 111 -5.06 -11.30 -10.14
CA GLU A 111 -5.58 -12.36 -11.00
C GLU A 111 -6.59 -13.24 -10.27
N GLN A 112 -6.46 -13.33 -8.96
CA GLN A 112 -7.34 -14.17 -8.15
C GLN A 112 -8.54 -13.41 -7.59
N PHE A 113 -8.39 -12.09 -7.47
CA PHE A 113 -9.37 -11.29 -6.75
C PHE A 113 -9.43 -9.89 -7.33
N ASN A 114 -10.62 -9.48 -7.76
CA ASN A 114 -10.82 -8.15 -8.31
C ASN A 114 -11.76 -7.37 -7.38
N ILE A 115 -11.21 -6.33 -6.74
CA ILE A 115 -11.99 -5.51 -5.81
C ILE A 115 -13.28 -4.96 -6.45
N PHE A 116 -13.25 -4.71 -7.74
CA PHE A 116 -14.43 -4.20 -8.42
C PHE A 116 -15.55 -5.22 -8.55
N ASP A 117 -15.25 -6.50 -8.35
CA ASP A 117 -16.31 -7.51 -8.30
C ASP A 117 -17.12 -7.38 -7.01
N VAL A 118 -16.48 -6.89 -5.96
CA VAL A 118 -17.12 -6.76 -4.66
C VAL A 118 -18.09 -5.57 -4.69
N TYR A 119 -17.71 -4.55 -5.46
CA TYR A 119 -18.45 -3.29 -5.50
C TYR A 119 -18.85 -2.93 -6.94
N PRO A 120 -19.82 -3.67 -7.51
CA PRO A 120 -20.19 -3.54 -8.92
C PRO A 120 -20.64 -2.12 -9.30
N ASP A 121 -21.14 -1.35 -8.35
CA ASP A 121 -21.66 -0.03 -8.66
C ASP A 121 -20.58 1.05 -8.68
N GLU A 122 -19.37 0.72 -8.24
CA GLU A 122 -18.34 1.74 -8.09
C GLU A 122 -17.45 1.80 -9.32
N GLU A 123 -17.18 3.01 -9.79
CA GLU A 123 -16.27 3.22 -10.92
C GLU A 123 -14.86 3.58 -10.45
N LEU A 124 -14.77 4.27 -9.32
CA LEU A 124 -13.50 4.72 -8.76
C LEU A 124 -13.40 4.36 -7.29
N ILE A 125 -12.25 3.82 -6.91
CA ILE A 125 -11.98 3.38 -5.54
C ILE A 125 -10.63 3.95 -5.15
N LEU A 126 -10.48 4.35 -3.89
CA LEU A 126 -9.17 4.82 -3.41
C LEU A 126 -8.31 3.62 -3.05
N ASP A 127 -7.06 3.62 -3.50
CA ASP A 127 -6.14 2.50 -3.27
C ASP A 127 -4.97 2.97 -2.40
N GLY A 128 -4.88 2.44 -1.18
CA GLY A 128 -3.80 2.78 -0.29
C GLY A 128 -2.60 1.92 -0.59
N LYS A 129 -1.54 2.53 -1.13
CA LYS A 129 -0.43 1.79 -1.72
C LYS A 129 0.76 1.58 -0.80
N ILE A 130 1.13 2.61 -0.04
CA ILE A 130 2.31 2.57 0.80
C ILE A 130 2.01 3.31 2.10
N LEU A 131 2.00 2.58 3.21
CA LEU A 131 1.82 3.18 4.54
C LEU A 131 3.07 2.93 5.38
N SER A 132 3.65 3.98 5.94
CA SER A 132 4.90 3.87 6.68
C SER A 132 4.99 4.98 7.72
N VAL A 133 5.35 4.62 8.94
CA VAL A 133 5.52 5.57 10.03
C VAL A 133 6.90 5.38 10.64
N ASP A 134 7.61 6.48 10.90
CA ASP A 134 8.91 6.47 11.55
C ASP A 134 8.80 5.70 12.87
N THR A 135 9.73 4.78 13.10
CA THR A 135 9.74 3.93 14.30
C THR A 135 9.49 4.67 15.60
N ASN A 136 10.12 5.83 15.77
CA ASN A 136 10.01 6.58 17.02
C ASN A 136 8.66 7.24 17.21
N TYR A 137 7.82 7.16 16.19
CA TYR A 137 6.49 7.76 16.24
C TYR A 137 5.39 6.72 16.09
N ARG A 138 5.76 5.44 16.18
CA ARG A 138 4.77 4.35 16.10
C ARG A 138 3.96 4.20 17.37
N GLY A 139 2.75 3.66 17.24
CA GLY A 139 1.89 3.44 18.38
C GLY A 139 1.27 4.70 18.94
N LEU A 140 1.24 5.77 18.14
CA LEU A 140 0.68 7.05 18.55
C LEU A 140 -0.60 7.39 17.77
N GLY A 141 -1.04 6.50 16.89
CA GLY A 141 -2.24 6.73 16.10
C GLY A 141 -2.01 7.50 14.80
N ILE A 142 -0.75 7.66 14.40
CA ILE A 142 -0.47 8.37 13.14
C ILE A 142 -1.08 7.66 11.92
N ALA A 143 -0.99 6.33 11.87
CA ALA A 143 -1.59 5.60 10.76
C ALA A 143 -3.07 5.97 10.63
N GLY A 144 -3.78 6.01 11.76
CA GLY A 144 -5.19 6.36 11.76
C GLY A 144 -5.44 7.78 11.29
N ARG A 145 -4.62 8.72 11.72
CA ARG A 145 -4.80 10.10 11.28
C ARG A 145 -4.50 10.30 9.80
N LEU A 146 -3.51 9.57 9.29
CA LEU A 146 -3.25 9.59 7.85
C LEU A 146 -4.46 9.06 7.09
N THR A 147 -5.00 7.95 7.58
CA THR A 147 -6.14 7.31 6.94
C THR A 147 -7.36 8.24 6.98
N GLU A 148 -7.58 8.89 8.13
CA GLU A 148 -8.69 9.81 8.30
C GLU A 148 -8.68 10.97 7.30
N ARG A 149 -7.48 11.45 6.94
CA ARG A 149 -7.39 12.53 5.98
C ARG A 149 -7.87 12.07 4.60
N ALA A 150 -7.61 10.79 4.28
CA ALA A 150 -8.14 10.22 3.05
C ALA A 150 -9.67 10.19 3.02
N TYR A 151 -10.30 9.99 4.18
CA TYR A 151 -11.77 9.99 4.21
C TYR A 151 -12.31 11.35 3.78
N GLU A 152 -11.59 12.41 4.12
CA GLU A 152 -11.97 13.75 3.72
C GLU A 152 -11.92 13.86 2.20
N TYR A 153 -10.85 13.39 1.60
CA TYR A 153 -10.73 13.38 0.14
C TYR A 153 -11.88 12.57 -0.48
N MET A 154 -12.18 11.41 0.10
CA MET A 154 -13.25 10.57 -0.41
C MET A 154 -14.60 11.28 -0.37
N ARG A 155 -14.91 11.91 0.75
CA ARG A 155 -16.15 12.66 0.88
C ARG A 155 -16.22 13.76 -0.17
N GLU A 156 -15.12 14.49 -0.33
CA GLU A 156 -15.08 15.63 -1.26
C GLU A 156 -15.29 15.18 -2.71
N ASN A 157 -14.98 13.93 -3.00
CA ASN A 157 -15.02 13.46 -4.37
C ASN A 157 -16.01 12.33 -4.64
N GLY A 158 -16.89 12.08 -3.67
CA GLY A 158 -17.90 11.04 -3.83
C GLY A 158 -17.34 9.62 -4.02
N ILE A 159 -16.18 9.35 -3.41
CA ILE A 159 -15.60 8.01 -3.43
C ILE A 159 -16.08 7.29 -2.17
N ASN A 160 -16.56 6.06 -2.33
CA ASN A 160 -17.12 5.31 -1.21
C ASN A 160 -16.22 4.23 -0.62
N VAL A 161 -15.29 3.69 -1.42
CA VAL A 161 -14.50 2.54 -0.99
C VAL A 161 -13.01 2.86 -0.94
N TYR A 162 -12.38 2.47 0.16
CA TYR A 162 -10.93 2.59 0.35
C TYR A 162 -10.39 1.16 0.44
N HIS A 163 -9.50 0.81 -0.48
CA HIS A 163 -8.93 -0.53 -0.64
C HIS A 163 -7.45 -0.50 -0.27
N VAL A 164 -7.02 -1.41 0.60
CA VAL A 164 -5.63 -1.46 1.04
C VAL A 164 -5.13 -2.90 1.07
N LEU A 165 -4.17 -3.23 0.21
CA LEU A 165 -3.49 -4.51 0.28
C LEU A 165 -2.45 -4.48 1.40
N CYS A 166 -2.62 -5.36 2.38
CA CYS A 166 -1.68 -5.47 3.49
C CYS A 166 -0.78 -6.70 3.29
N SER A 167 0.51 -6.51 3.52
CA SER A 167 1.46 -7.60 3.32
C SER A 167 1.79 -8.39 4.60
N SER A 168 1.03 -8.17 5.68
CA SER A 168 1.20 -8.93 6.91
C SER A 168 -0.07 -8.84 7.74
N HIS A 169 -0.36 -9.88 8.51
CA HIS A 169 -1.46 -9.81 9.47
C HIS A 169 -1.25 -8.67 10.47
N TYR A 170 0.00 -8.33 10.76
CA TYR A 170 0.31 -7.24 11.68
C TYR A 170 -0.34 -5.92 11.22
N SER A 171 -0.15 -5.57 9.95
CA SER A 171 -0.70 -4.33 9.42
C SER A 171 -2.21 -4.43 9.12
N ALA A 172 -2.68 -5.61 8.73
CA ALA A 172 -4.11 -5.82 8.56
C ALA A 172 -4.85 -5.52 9.87
N ARG A 173 -4.26 -5.89 11.00
CA ARG A 173 -4.85 -5.60 12.30
C ARG A 173 -5.00 -4.11 12.57
N VAL A 174 -4.03 -3.32 12.13
CA VAL A 174 -4.14 -1.87 12.26
C VAL A 174 -5.31 -1.37 11.43
N MET A 175 -5.44 -1.86 10.19
CA MET A 175 -6.57 -1.46 9.38
C MET A 175 -7.91 -1.91 9.99
N GLU A 176 -7.93 -3.08 10.60
CA GLU A 176 -9.13 -3.54 11.30
C GLU A 176 -9.53 -2.58 12.40
N LYS A 177 -8.55 -2.12 13.17
CA LYS A 177 -8.80 -1.18 14.26
C LYS A 177 -9.41 0.10 13.69
N LEU A 178 -8.98 0.46 12.48
CA LEU A 178 -9.49 1.64 11.82
C LEU A 178 -10.82 1.41 11.10
N GLY A 179 -11.37 0.20 11.24
CA GLY A 179 -12.70 -0.06 10.72
C GLY A 179 -12.75 -0.69 9.35
N PHE A 180 -11.61 -1.14 8.85
CA PHE A 180 -11.57 -1.90 7.60
C PHE A 180 -11.89 -3.37 7.88
N HIS A 181 -12.32 -4.09 6.86
CA HIS A 181 -12.52 -5.53 6.97
C HIS A 181 -11.86 -6.25 5.81
N GLU A 182 -11.47 -7.49 6.06
CA GLU A 182 -10.89 -8.34 5.04
C GLU A 182 -11.87 -8.56 3.90
N VAL A 183 -11.37 -8.48 2.68
CA VAL A 183 -12.15 -8.91 1.51
C VAL A 183 -11.50 -10.05 0.72
N PHE A 184 -10.22 -10.33 0.99
CA PHE A 184 -9.50 -11.44 0.35
C PHE A 184 -8.25 -11.73 1.16
N ARG A 185 -7.83 -12.99 1.20
CA ARG A 185 -6.59 -13.34 1.89
C ARG A 185 -5.86 -14.45 1.15
N MET A 186 -4.54 -14.52 1.36
CA MET A 186 -3.76 -15.63 0.84
C MET A 186 -2.55 -15.84 1.72
N GLN A 187 -2.41 -17.06 2.24
CA GLN A 187 -1.25 -17.41 3.06
C GLN A 187 -0.01 -17.45 2.20
N PHE A 188 1.12 -16.99 2.73
CA PHE A 188 2.39 -17.14 2.03
C PHE A 188 2.69 -18.61 1.74
N ALA A 189 2.30 -19.49 2.65
CA ALA A 189 2.52 -20.92 2.50
C ALA A 189 1.75 -21.49 1.31
N ASP A 190 0.70 -20.77 0.90
CA ASP A 190 -0.13 -21.22 -0.21
C ASP A 190 0.20 -20.53 -1.52
N TYR A 191 1.11 -19.55 -1.47
CA TYR A 191 1.50 -18.85 -2.68
C TYR A 191 2.64 -19.59 -3.37
N LYS A 192 2.29 -20.40 -4.36
CA LYS A 192 3.27 -21.28 -5.02
C LYS A 192 3.16 -21.18 -6.54
N PRO A 193 3.51 -20.01 -7.11
CA PRO A 193 3.31 -19.73 -8.54
C PRO A 193 3.99 -20.74 -9.47
N GLN A 194 5.16 -21.24 -9.09
CA GLN A 194 5.82 -22.26 -9.90
C GLN A 194 6.00 -23.56 -9.11
N GLY A 195 5.03 -23.87 -8.27
CA GLY A 195 5.00 -25.13 -7.56
C GLY A 195 5.68 -25.07 -6.20
N GLU A 196 6.43 -24.01 -5.96
CA GLU A 196 7.16 -23.89 -4.70
C GLU A 196 6.93 -22.53 -4.04
N VAL A 197 7.09 -22.50 -2.72
CA VAL A 197 6.91 -21.28 -1.95
C VAL A 197 7.98 -20.23 -2.30
N VAL A 198 7.55 -18.97 -2.38
CA VAL A 198 8.43 -17.84 -2.68
C VAL A 198 8.77 -17.06 -1.41
N PHE A 199 7.74 -16.79 -0.61
CA PHE A 199 7.90 -16.00 0.61
C PHE A 199 7.69 -16.84 1.86
N LYS A 200 8.67 -16.84 2.77
CA LYS A 200 8.46 -17.43 4.09
C LYS A 200 9.02 -16.55 5.22
N PRO A 201 8.33 -15.43 5.48
CA PRO A 201 8.67 -14.64 6.67
C PRO A 201 8.19 -15.38 7.92
N ALA A 202 8.43 -14.82 9.09
CA ALA A 202 8.01 -15.44 10.34
C ALA A 202 6.51 -15.75 10.37
N ALA A 203 6.17 -16.82 11.11
CA ALA A 203 4.80 -17.30 11.21
C ALA A 203 3.72 -16.24 11.51
N PRO A 204 4.00 -15.28 12.42
CA PRO A 204 2.91 -14.34 12.70
C PRO A 204 2.47 -13.47 11.52
N HIS A 205 3.29 -13.33 10.47
CA HIS A 205 2.87 -12.52 9.33
C HIS A 205 1.72 -13.17 8.55
N VAL A 206 1.79 -14.50 8.44
CA VAL A 206 0.76 -15.36 7.81
C VAL A 206 0.64 -15.22 6.29
N GLY A 207 0.34 -14.02 5.81
CA GLY A 207 0.11 -13.85 4.39
C GLY A 207 -0.44 -12.48 4.11
N ILE A 208 -0.92 -12.29 2.88
CA ILE A 208 -1.54 -11.03 2.52
C ILE A 208 -3.02 -11.02 2.88
N GLN A 209 -3.51 -9.82 3.20
CA GLN A 209 -4.94 -9.58 3.35
C GLN A 209 -5.28 -8.30 2.65
N VAL A 210 -6.26 -8.36 1.75
CA VAL A 210 -6.79 -7.15 1.14
C VAL A 210 -7.91 -6.65 2.05
N MET A 211 -7.79 -5.39 2.47
CA MET A 211 -8.71 -4.79 3.43
C MET A 211 -9.51 -3.70 2.72
N ALA A 212 -10.76 -3.53 3.13
CA ALA A 212 -11.60 -2.50 2.55
C ALA A 212 -12.46 -1.81 3.60
N LYS A 213 -12.75 -0.54 3.36
CA LYS A 213 -13.69 0.20 4.18
C LYS A 213 -14.61 1.00 3.27
N GLU A 214 -15.88 1.04 3.61
CA GLU A 214 -16.80 1.93 2.92
C GLU A 214 -17.06 3.12 3.81
N VAL A 215 -16.89 4.31 3.24
CA VAL A 215 -16.98 5.55 3.99
C VAL A 215 -18.13 6.40 3.43
#